data_6H1N
#
_entry.id   6H1N
#
_cell.length_a   48.177
_cell.length_b   48.177
_cell.length_c   75.332
_cell.angle_alpha   90.00
_cell.angle_beta   90.00
_cell.angle_gamma   90.00
#
_symmetry.space_group_name_H-M   'P 43'
#
loop_
_entity.id
_entity.type
_entity.pdbx_description
1 polymer 'BCL2-like 10 (Apoptosis facilitator)'
2 non-polymer 'SULFATE ION'
3 non-polymer 'ACETATE ION'
4 water water
#
_entity_poly.entity_id   1
_entity_poly.type   'polypeptide(L)'
_entity_poly.pdbx_seq_one_letter_code
;GPLSMSCWLREQTLLLAEDYISFCSGIQQTPPSESAEAMRYLAKEMEQQHRTKFRSLSQEFLDTCGADPSKCLQSVMREL
VGDGKMNWGRVVSIFTFTGVLASELLSRGENSEGSRRLAETIADYLGGEKQDWLVENGGWEGFCRFFHNARQ
;
_entity_poly.pdbx_strand_id   A
#
# COMPACT_ATOMS: atom_id res chain seq x y z
N GLY A 1 16.80 18.82 -2.80
CA GLY A 1 18.14 18.41 -2.29
C GLY A 1 18.18 16.94 -1.98
N PRO A 2 19.39 16.42 -1.75
CA PRO A 2 19.51 15.01 -1.37
C PRO A 2 18.78 14.74 -0.07
N LEU A 3 18.05 13.63 -0.04
CA LEU A 3 17.15 13.29 1.06
C LEU A 3 16.30 14.50 1.48
N SER A 4 15.63 15.10 0.49
CA SER A 4 14.64 16.15 0.71
C SER A 4 13.39 15.58 1.36
N MET A 5 12.31 16.35 1.37
CA MET A 5 11.09 15.82 1.97
C MET A 5 10.51 14.72 1.09
N SER A 6 10.49 14.96 -0.23
CA SER A 6 9.92 13.97 -1.14
C SER A 6 10.73 12.68 -1.06
N CYS A 7 12.06 12.78 -1.03
CA CYS A 7 12.89 11.60 -0.90
C CYS A 7 12.60 10.84 0.39
N TRP A 8 12.53 11.55 1.51
CA TRP A 8 12.22 10.85 2.75
C TRP A 8 10.85 10.18 2.71
N LEU A 9 9.84 10.87 2.18
CA LEU A 9 8.52 10.24 2.10
C LEU A 9 8.52 9.03 1.17
N ARG A 10 9.17 9.15 0.01
CA ARG A 10 9.25 8.02 -0.92
C ARG A 10 9.92 6.82 -0.27
N GLU A 11 11.07 7.02 0.36
CA GLU A 11 11.79 5.92 0.99
C GLU A 11 10.95 5.29 2.10
N GLN A 12 10.32 6.12 2.93
CA GLN A 12 9.49 5.61 4.01
C GLN A 12 8.35 4.78 3.46
N THR A 13 7.65 5.31 2.45
CA THR A 13 6.56 4.58 1.80
C THR A 13 7.04 3.26 1.24
N LEU A 14 8.20 3.28 0.59
CA LEU A 14 8.76 2.07 -0.02
C LEU A 14 8.95 0.97 1.00
N LEU A 15 9.59 1.29 2.11
CA LEU A 15 9.84 0.30 3.13
C LEU A 15 8.56 -0.07 3.88
N LEU A 16 7.62 0.84 4.02
CA LEU A 16 6.33 0.40 4.58
C LEU A 16 5.67 -0.62 3.67
N ALA A 17 5.71 -0.37 2.35
CA ALA A 17 5.09 -1.32 1.43
C ALA A 17 5.87 -2.61 1.37
N GLU A 18 7.20 -2.55 1.49
CA GLU A 18 7.95 -3.81 1.54
C GLU A 18 7.57 -4.60 2.78
N ASP A 19 7.34 -3.92 3.90
CA ASP A 19 6.93 -4.66 5.08
C ASP A 19 5.58 -5.34 4.87
N TYR A 20 4.57 -4.60 4.39
CA TYR A 20 3.25 -5.21 4.35
C TYR A 20 3.22 -6.35 3.36
N ILE A 21 3.86 -6.16 2.20
CA ILE A 21 3.98 -7.24 1.24
C ILE A 21 4.64 -8.45 1.89
N SER A 22 5.73 -8.23 2.64
CA SER A 22 6.34 -9.38 3.32
C SER A 22 5.38 -10.00 4.30
N PHE A 23 4.71 -9.17 5.08
CA PHE A 23 3.71 -9.65 6.03
C PHE A 23 2.65 -10.49 5.34
N CYS A 24 2.22 -10.07 4.16
CA CYS A 24 1.21 -10.88 3.50
C CYS A 24 1.76 -12.07 2.74
N SER A 25 3.09 -12.19 2.65
CA SER A 25 3.70 -13.23 1.83
C SER A 25 4.30 -14.33 2.70
N GLY A 26 3.81 -14.49 3.91
CA GLY A 26 4.22 -15.61 4.74
C GLY A 26 5.40 -15.37 5.62
N ILE A 27 5.96 -14.14 5.61
CA ILE A 27 7.06 -13.76 6.48
C ILE A 27 6.48 -13.20 7.76
N GLN A 28 7.15 -13.51 8.86
CA GLN A 28 6.63 -13.12 10.17
C GLN A 28 7.77 -12.45 10.94
N GLN A 29 7.78 -11.13 10.96
CA GLN A 29 8.74 -10.38 11.76
C GLN A 29 7.97 -9.36 12.57
N THR A 30 8.56 -8.93 13.69
CA THR A 30 7.99 -7.80 14.44
C THR A 30 7.96 -6.56 13.54
N PRO A 31 7.02 -5.66 13.73
CA PRO A 31 6.94 -4.52 12.85
C PRO A 31 8.21 -3.69 12.89
N PRO A 32 8.70 -3.28 11.71
CA PRO A 32 9.95 -2.51 11.68
C PRO A 32 9.83 -1.05 12.13
N SER A 33 8.62 -0.54 12.32
CA SER A 33 8.38 0.86 12.62
C SER A 33 6.97 1.01 13.17
N GLU A 34 6.68 2.18 13.72
CA GLU A 34 5.33 2.41 14.20
C GLU A 34 4.34 2.43 13.04
N SER A 35 4.70 3.10 11.94
N SER A 35 4.70 3.10 11.94
CA SER A 35 3.84 3.14 10.77
CA SER A 35 3.82 3.14 10.79
C SER A 35 3.49 1.74 10.27
C SER A 35 3.50 1.74 10.25
N ALA A 36 4.48 0.83 10.26
CA ALA A 36 4.24 -0.57 9.89
C ALA A 36 3.29 -1.30 10.84
N GLU A 37 3.47 -1.17 12.16
CA GLU A 37 2.46 -1.66 13.11
C GLU A 37 1.08 -1.13 12.74
N ALA A 38 0.97 0.17 12.44
CA ALA A 38 -0.34 0.71 12.07
C ALA A 38 -0.83 0.10 10.78
N MET A 39 0.01 0.06 9.76
CA MET A 39 -0.53 -0.41 8.48
C MET A 39 -0.94 -1.86 8.56
N ARG A 40 -0.13 -2.71 9.23
CA ARG A 40 -0.50 -4.12 9.23
C ARG A 40 -1.88 -4.31 9.85
N TYR A 41 -2.16 -3.58 10.92
CA TYR A 41 -3.46 -3.68 11.57
C TYR A 41 -4.56 -3.11 10.68
N LEU A 42 -4.36 -1.91 10.15
CA LEU A 42 -5.46 -1.27 9.42
C LEU A 42 -5.67 -1.89 8.04
N ALA A 43 -4.61 -2.29 7.35
CA ALA A 43 -4.79 -2.90 6.04
C ALA A 43 -5.48 -4.27 6.14
N LYS A 44 -5.10 -5.08 7.11
CA LYS A 44 -5.76 -6.37 7.27
C LYS A 44 -7.19 -6.19 7.74
N GLU A 45 -7.44 -5.21 8.61
CA GLU A 45 -8.81 -4.91 9.01
C GLU A 45 -9.66 -4.56 7.78
N MET A 46 -9.14 -3.72 6.89
N MET A 46 -9.14 -3.70 6.92
CA MET A 46 -9.91 -3.33 5.71
CA MET A 46 -9.84 -3.31 5.69
C MET A 46 -10.14 -4.52 4.78
C MET A 46 -10.14 -4.52 4.81
N GLU A 47 -9.18 -5.43 4.68
CA GLU A 47 -9.37 -6.62 3.85
C GLU A 47 -10.55 -7.45 4.33
N GLN A 48 -10.65 -7.66 5.66
CA GLN A 48 -11.75 -8.46 6.19
C GLN A 48 -13.09 -7.80 5.93
N GLN A 49 -13.10 -6.47 5.86
CA GLN A 49 -14.36 -5.78 5.64
C GLN A 49 -14.84 -5.87 4.20
N HIS A 50 -13.97 -6.23 3.27
CA HIS A 50 -14.37 -6.34 1.87
C HIS A 50 -13.65 -7.51 1.19
N ARG A 51 -13.60 -8.67 1.84
CA ARG A 51 -12.67 -9.69 1.38
C ARG A 51 -12.98 -10.11 -0.05
N THR A 52 -14.25 -10.26 -0.38
CA THR A 52 -14.59 -10.77 -1.69
C THR A 52 -14.24 -9.75 -2.78
N LYS A 53 -14.50 -8.47 -2.53
CA LYS A 53 -14.19 -7.47 -3.53
C LYS A 53 -12.69 -7.38 -3.79
N PHE A 54 -11.86 -7.31 -2.72
CA PHE A 54 -10.40 -7.25 -2.93
C PHE A 54 -9.90 -8.53 -3.62
N ARG A 55 -10.37 -9.69 -3.16
CA ARG A 55 -9.94 -10.95 -3.77
C ARG A 55 -10.37 -11.02 -5.22
N SER A 56 -11.54 -10.49 -5.54
CA SER A 56 -12.01 -10.53 -6.93
C SER A 56 -11.21 -9.59 -7.83
N LEU A 57 -10.99 -8.35 -7.37
CA LEU A 57 -10.17 -7.41 -8.13
C LEU A 57 -8.75 -7.92 -8.27
N SER A 58 -8.25 -8.57 -7.22
CA SER A 58 -6.90 -9.08 -7.26
C SER A 58 -6.76 -10.17 -8.29
N GLN A 59 -7.73 -11.09 -8.32
CA GLN A 59 -7.66 -12.18 -9.28
C GLN A 59 -7.80 -11.65 -10.68
N GLU A 60 -8.71 -10.68 -10.88
CA GLU A 60 -8.89 -10.13 -12.21
C GLU A 60 -7.65 -9.40 -12.65
N PHE A 61 -7.04 -8.64 -11.73
CA PHE A 61 -5.81 -7.94 -12.03
C PHE A 61 -4.71 -8.92 -12.43
N LEU A 62 -4.59 -10.01 -11.69
CA LEU A 62 -3.53 -10.96 -12.03
C LEU A 62 -3.80 -11.63 -13.37
N ASP A 63 -5.09 -11.89 -13.68
CA ASP A 63 -5.46 -12.60 -14.89
C ASP A 63 -5.56 -11.68 -16.11
N THR A 64 -5.37 -10.37 -15.93
CA THR A 64 -5.49 -9.39 -17.00
C THR A 64 -4.19 -8.61 -17.25
N CYS A 65 -3.48 -8.25 -16.20
CA CYS A 65 -2.36 -7.32 -16.29
C CYS A 65 -1.01 -7.98 -16.00
N GLY A 66 -0.85 -9.27 -16.28
CA GLY A 66 0.45 -9.88 -16.10
C GLY A 66 1.53 -9.22 -16.94
N ALA A 67 1.16 -8.70 -18.12
CA ALA A 67 2.14 -8.10 -19.04
C ALA A 67 2.95 -7.03 -18.32
N ASP A 68 2.29 -5.99 -17.83
CA ASP A 68 2.93 -5.02 -16.94
C ASP A 68 2.06 -4.74 -15.72
N PRO A 69 2.34 -5.41 -14.60
CA PRO A 69 1.56 -5.15 -13.38
C PRO A 69 1.69 -3.73 -12.87
N SER A 70 2.81 -3.07 -13.15
CA SER A 70 3.05 -1.75 -12.57
C SER A 70 2.08 -0.72 -13.12
N LYS A 71 1.91 -0.66 -14.45
CA LYS A 71 1.08 0.40 -15.02
C LYS A 71 -0.40 0.18 -14.72
N CYS A 72 -0.86 -1.06 -14.77
CA CYS A 72 -2.19 -1.34 -14.28
C CYS A 72 -2.35 -0.87 -12.84
N LEU A 73 -1.35 -1.17 -12.00
CA LEU A 73 -1.49 -0.86 -10.58
C LEU A 73 -1.64 0.63 -10.40
N GLN A 74 -0.88 1.41 -11.17
CA GLN A 74 -1.00 2.87 -11.11
C GLN A 74 -2.44 3.30 -11.36
N SER A 75 -3.07 2.69 -12.35
CA SER A 75 -4.47 3.00 -12.64
C SER A 75 -5.39 2.56 -11.50
N VAL A 76 -5.19 1.35 -10.99
CA VAL A 76 -5.95 0.87 -9.85
C VAL A 76 -5.85 1.84 -8.67
N MET A 77 -4.63 2.29 -8.34
CA MET A 77 -4.44 3.21 -7.23
C MET A 77 -5.23 4.48 -7.42
N ARG A 78 -5.16 5.07 -8.62
CA ARG A 78 -5.95 6.26 -8.93
C ARG A 78 -7.43 6.01 -8.77
N GLU A 79 -7.90 4.83 -9.14
CA GLU A 79 -9.31 4.57 -8.97
C GLU A 79 -9.67 4.22 -7.53
N LEU A 80 -8.71 3.71 -6.74
CA LEU A 80 -8.99 3.53 -5.31
C LEU A 80 -9.17 4.87 -4.65
N VAL A 81 -8.32 5.83 -5.01
CA VAL A 81 -8.39 7.17 -4.43
C VAL A 81 -9.66 7.87 -4.89
N GLY A 82 -9.93 7.80 -6.18
CA GLY A 82 -11.16 8.35 -6.71
C GLY A 82 -11.03 9.86 -6.85
N ASP A 83 -12.17 10.54 -6.79
CA ASP A 83 -12.25 11.97 -7.08
C ASP A 83 -12.54 12.82 -5.85
N GLY A 84 -12.75 12.20 -4.70
CA GLY A 84 -13.11 12.92 -3.49
C GLY A 84 -11.89 13.34 -2.70
N LYS A 85 -12.16 13.97 -1.56
CA LYS A 85 -11.12 14.24 -0.58
C LYS A 85 -10.35 12.96 -0.33
N MET A 86 -9.03 13.04 -0.47
CA MET A 86 -8.23 11.87 -0.09
C MET A 86 -8.13 11.81 1.43
N ASN A 87 -7.85 10.60 1.92
CA ASN A 87 -7.82 10.33 3.35
C ASN A 87 -7.02 9.07 3.61
N TRP A 88 -6.67 8.88 4.86
CA TRP A 88 -5.83 7.75 5.17
C TRP A 88 -6.52 6.45 4.80
N GLY A 89 -7.85 6.40 4.91
CA GLY A 89 -8.59 5.21 4.50
C GLY A 89 -8.29 4.79 3.08
N ARG A 90 -8.30 5.73 2.15
CA ARG A 90 -7.93 5.44 0.77
C ARG A 90 -6.51 4.92 0.67
N VAL A 91 -5.59 5.51 1.43
CA VAL A 91 -4.20 5.06 1.38
C VAL A 91 -4.09 3.61 1.82
N VAL A 92 -4.68 3.30 2.97
CA VAL A 92 -4.78 1.94 3.45
C VAL A 92 -5.29 0.99 2.33
N SER A 93 -6.37 1.38 1.64
N SER A 93 -6.37 1.40 1.64
CA SER A 93 -6.90 0.47 0.62
CA SER A 93 -6.92 0.49 0.62
C SER A 93 -5.84 0.09 -0.39
C SER A 93 -5.87 0.12 -0.42
N ILE A 94 -4.93 1.01 -0.69
CA ILE A 94 -3.86 0.71 -1.64
C ILE A 94 -3.00 -0.43 -1.12
N PHE A 95 -2.65 -0.38 0.18
CA PHE A 95 -1.82 -1.40 0.79
C PHE A 95 -2.56 -2.72 0.84
N THR A 96 -3.83 -2.67 1.25
CA THR A 96 -4.68 -3.87 1.29
C THR A 96 -4.67 -4.60 -0.04
N PHE A 97 -4.95 -3.86 -1.11
CA PHE A 97 -5.02 -4.45 -2.43
C PHE A 97 -3.69 -5.09 -2.79
N THR A 98 -2.59 -4.38 -2.56
CA THR A 98 -1.30 -4.92 -2.95
C THR A 98 -0.91 -6.11 -2.12
N GLY A 99 -1.34 -6.15 -0.86
CA GLY A 99 -1.06 -7.30 -0.01
C GLY A 99 -1.87 -8.51 -0.42
N VAL A 100 -3.10 -8.28 -0.88
CA VAL A 100 -3.88 -9.38 -1.45
C VAL A 100 -3.23 -9.87 -2.73
N LEU A 101 -2.80 -8.96 -3.60
CA LEU A 101 -2.05 -9.40 -4.77
C LEU A 101 -0.88 -10.27 -4.32
N ALA A 102 -0.10 -9.78 -3.37
CA ALA A 102 1.12 -10.50 -3.00
C ALA A 102 0.80 -11.91 -2.52
N SER A 103 -0.26 -12.06 -1.74
CA SER A 103 -0.61 -13.37 -1.21
C SER A 103 -1.19 -14.26 -2.30
N GLU A 104 -2.03 -13.71 -3.17
CA GLU A 104 -2.53 -14.54 -4.26
C GLU A 104 -1.41 -15.00 -5.17
N LEU A 105 -0.49 -14.09 -5.52
CA LEU A 105 0.68 -14.48 -6.28
C LEU A 105 1.42 -15.64 -5.62
N LEU A 106 1.62 -15.59 -4.30
CA LEU A 106 2.41 -16.66 -3.67
C LEU A 106 1.63 -17.98 -3.67
N SER A 107 0.29 -17.93 -3.54
CA SER A 107 -0.49 -19.16 -3.66
C SER A 107 -0.30 -19.79 -5.05
N ARG A 108 -0.26 -18.98 -6.10
CA ARG A 108 0.02 -19.48 -7.43
C ARG A 108 1.51 -19.75 -7.64
N GLY A 109 2.35 -18.73 -7.43
CA GLY A 109 3.79 -18.88 -7.63
C GLY A 109 4.62 -18.18 -6.57
N GLU A 110 5.56 -17.34 -6.99
CA GLU A 110 6.41 -16.60 -6.03
C GLU A 110 6.00 -15.13 -5.94
N GLU A 113 8.84 -12.80 -7.93
CA GLU A 113 8.67 -11.94 -6.78
C GLU A 113 8.45 -10.51 -7.26
N GLY A 114 7.19 -10.19 -7.57
CA GLY A 114 6.84 -8.86 -8.01
C GLY A 114 6.86 -7.82 -6.92
N SER A 115 7.15 -8.19 -5.68
CA SER A 115 7.08 -7.24 -4.58
C SER A 115 7.95 -6.02 -4.85
N ARG A 116 9.18 -6.25 -5.30
CA ARG A 116 10.09 -5.15 -5.57
C ARG A 116 9.45 -4.14 -6.50
N ARG A 117 8.83 -4.63 -7.57
CA ARG A 117 8.10 -3.75 -8.46
C ARG A 117 6.95 -3.07 -7.74
N LEU A 118 6.19 -3.83 -6.95
CA LEU A 118 4.95 -3.28 -6.40
C LEU A 118 5.27 -2.17 -5.41
N ALA A 119 6.26 -2.39 -4.55
CA ALA A 119 6.50 -1.40 -3.50
C ALA A 119 6.95 -0.09 -4.10
N GLU A 120 7.81 -0.14 -5.12
CA GLU A 120 8.29 1.08 -5.77
C GLU A 120 7.13 1.85 -6.37
N THR A 121 6.20 1.12 -6.98
CA THR A 121 5.05 1.73 -7.65
C THR A 121 4.19 2.44 -6.62
N ILE A 122 3.98 1.80 -5.47
CA ILE A 122 3.28 2.49 -4.41
C ILE A 122 4.07 3.71 -3.98
N ALA A 123 5.38 3.57 -3.79
CA ALA A 123 6.15 4.70 -3.27
C ALA A 123 6.13 5.89 -4.24
N ASP A 124 6.18 5.61 -5.53
CA ASP A 124 6.18 6.66 -6.53
C ASP A 124 4.84 7.38 -6.56
N TYR A 125 3.74 6.64 -6.47
CA TYR A 125 2.43 7.26 -6.47
C TYR A 125 2.21 8.10 -5.21
N LEU A 126 2.36 7.51 -4.02
CA LEU A 126 2.10 8.29 -2.80
C LEU A 126 3.21 9.30 -2.54
N GLY A 127 4.47 8.85 -2.56
CA GLY A 127 5.58 9.71 -2.23
C GLY A 127 5.85 10.77 -3.28
N GLY A 128 5.37 10.54 -4.49
CA GLY A 128 5.65 11.42 -5.61
C GLY A 128 4.41 12.17 -6.03
N GLU A 129 3.43 11.48 -6.60
CA GLU A 129 2.24 12.18 -7.10
C GLU A 129 1.47 12.86 -5.96
N LYS A 130 1.17 12.13 -4.89
CA LYS A 130 0.36 12.63 -3.77
C LYS A 130 1.23 13.21 -2.66
N GLN A 131 2.44 13.63 -3.03
CA GLN A 131 3.35 14.26 -2.09
C GLN A 131 2.66 15.35 -1.28
N ASP A 132 1.92 16.23 -1.97
CA ASP A 132 1.34 17.39 -1.32
C ASP A 132 0.34 16.99 -0.24
N TRP A 133 -0.55 16.03 -0.54
CA TRP A 133 -1.52 15.61 0.46
C TRP A 133 -0.82 14.94 1.63
N LEU A 134 0.22 14.15 1.36
CA LEU A 134 0.89 13.44 2.45
C LEU A 134 1.52 14.40 3.43
N VAL A 135 2.23 15.40 2.90
CA VAL A 135 2.83 16.42 3.76
C VAL A 135 1.75 17.21 4.50
N GLU A 136 0.77 17.71 3.75
CA GLU A 136 -0.32 18.46 4.34
C GLU A 136 -0.96 17.70 5.50
N ASN A 137 -0.97 16.37 5.44
CA ASN A 137 -1.62 15.57 6.48
C ASN A 137 -0.64 14.97 7.47
N GLY A 138 0.55 15.57 7.61
CA GLY A 138 1.51 15.19 8.62
C GLY A 138 2.41 14.03 8.27
N GLY A 139 2.40 13.54 7.05
CA GLY A 139 3.43 12.54 6.82
C GLY A 139 3.02 11.23 7.49
N TRP A 140 3.95 10.25 7.55
CA TRP A 140 3.62 8.96 8.17
C TRP A 140 3.40 9.14 9.67
N GLU A 141 3.92 10.23 10.24
CA GLU A 141 3.58 10.48 11.63
C GLU A 141 2.10 10.74 11.77
N GLY A 142 1.50 11.42 10.79
CA GLY A 142 0.07 11.70 10.88
C GLY A 142 -0.77 10.44 10.70
N PHE A 143 -0.33 9.55 9.82
CA PHE A 143 -0.92 8.22 9.75
C PHE A 143 -0.92 7.53 11.11
N CYS A 144 0.21 7.54 11.84
CA CYS A 144 0.24 6.87 13.14
C CYS A 144 -0.76 7.48 14.10
N ARG A 145 -0.97 8.80 14.00
CA ARG A 145 -1.99 9.40 14.85
C ARG A 145 -3.36 8.94 14.44
N PHE A 146 -3.62 8.89 13.13
CA PHE A 146 -4.89 8.38 12.63
C PHE A 146 -5.18 6.98 13.16
N PHE A 147 -4.15 6.14 13.23
CA PHE A 147 -4.28 4.79 13.76
C PHE A 147 -4.57 4.79 15.26
N HIS A 148 -3.89 5.64 16.02
CA HIS A 148 -4.04 5.62 17.47
C HIS A 148 -5.32 6.27 17.95
N ASN A 149 -6.17 6.72 17.02
CA ASN A 149 -7.50 7.20 17.33
C ASN A 149 -8.61 6.43 16.64
N ALA A 150 -8.30 5.67 15.59
CA ALA A 150 -9.25 4.81 14.91
C ALA A 150 -9.63 3.65 15.82
#